data_2EU9
#
_entry.id   2EU9
#
_cell.length_a   108.727
_cell.length_b   45.063
_cell.length_c   84.006
_cell.angle_alpha   90.00
_cell.angle_beta   115.23
_cell.angle_gamma   90.00
#
_symmetry.space_group_name_H-M   'C 1 2 1'
#
loop_
_entity.id
_entity.type
_entity.pdbx_description
1 polymer 'Dual specificity protein kinase CLK3'
2 non-polymer 1,2-ETHANEDIOL
3 water water
#
_entity_poly.entity_id   1
_entity_poly.type   'polypeptide(L)'
_entity_poly.pdbx_seq_one_letter_code
;VEDDKEGHLVCRIGDWLQERYEIVGNLGEGTFGKVVECLDHARGKSQVALKIIRNVGKYREAARLEINVLKKIKEKDKEN
KFLCVLMSDWFNFHGHMCIAFELLGKNTFEFLKENNFQPYPLPHVRHMAYQLCHALRFLHENQLTHTDLKPENILFVNSE
FETLYNEHKSCEEKSVKNTSIRVADFGSATFDHEHHTTIVATRHYRPPEVILELGWAQPCDVWSIGCILFEYYRGFTLFQ
THENREHLVMMEKILGPIPSHMIHRTRKQKYFYKGGLVWDENSSDGRYVKENCKPLKSYMLQDSLEHVQLFDLMRRMLEF
DPAQRITLAEALLHPFFAGLTPEERSFHTSRNPSR
;
_entity_poly.pdbx_strand_id   A
#
loop_
_chem_comp.id
_chem_comp.type
_chem_comp.name
_chem_comp.formula
EDO non-polymer 1,2-ETHANEDIOL 'C2 H6 O2'
#
# COMPACT_ATOMS: atom_id res chain seq x y z
N VAL A 1 -27.17 -24.29 2.24
CA VAL A 1 -26.10 -23.41 2.86
C VAL A 1 -26.48 -22.84 4.23
N GLU A 2 -25.48 -22.47 5.06
CA GLU A 2 -25.77 -21.93 6.33
C GLU A 2 -24.59 -21.08 6.78
N ASP A 3 -24.81 -20.23 7.77
CA ASP A 3 -23.77 -19.40 8.36
C ASP A 3 -23.50 -19.86 9.75
N ASP A 4 -22.31 -19.48 10.21
CA ASP A 4 -21.94 -19.66 11.60
C ASP A 4 -22.40 -18.47 12.44
N LYS A 5 -22.11 -18.53 13.75
CA LYS A 5 -22.55 -17.47 14.63
C LYS A 5 -21.76 -16.18 14.46
N GLU A 6 -20.64 -16.22 13.77
CA GLU A 6 -19.94 -14.96 13.43
C GLU A 6 -20.47 -14.39 12.07
N GLY A 7 -21.27 -15.15 11.35
CA GLY A 7 -21.80 -14.65 10.09
C GLY A 7 -20.92 -14.98 8.92
N HIS A 8 -19.96 -15.87 9.12
CA HIS A 8 -19.24 -16.46 8.03
C HIS A 8 -20.14 -17.47 7.39
N LEU A 9 -20.03 -17.52 6.06
CA LEU A 9 -20.56 -18.62 5.36
C LEU A 9 -19.83 -19.85 5.85
N VAL A 10 -20.56 -20.92 6.17
CA VAL A 10 -19.95 -22.17 6.56
C VAL A 10 -19.44 -22.86 5.31
N CYS A 11 -18.13 -22.88 5.11
CA CYS A 11 -17.57 -23.53 3.91
C CYS A 11 -16.18 -24.10 4.15
N ARG A 12 -15.83 -25.05 3.29
CA ARG A 12 -14.54 -25.72 3.32
C ARG A 12 -13.98 -25.88 1.92
N ILE A 13 -12.66 -26.09 1.84
CA ILE A 13 -12.02 -26.58 0.61
C ILE A 13 -12.75 -27.82 0.15
N GLY A 14 -13.12 -27.84 -1.12
CA GLY A 14 -14.00 -28.88 -1.66
C GLY A 14 -15.38 -28.40 -2.05
N ASP A 15 -15.88 -27.35 -1.38
CA ASP A 15 -17.22 -26.81 -1.65
C ASP A 15 -17.30 -25.92 -2.91
N TRP A 16 -18.52 -25.72 -3.43
CA TRP A 16 -18.77 -24.89 -4.60
C TRP A 16 -19.72 -23.73 -4.27
N LEU A 17 -19.65 -22.68 -5.09
CA LEU A 17 -20.64 -21.61 -5.09
C LEU A 17 -21.08 -21.31 -6.53
N GLN A 18 -22.36 -20.97 -6.72
CA GLN A 18 -22.89 -20.48 -8.00
C GLN A 18 -22.87 -21.58 -9.08
N GLU A 19 -22.72 -22.83 -8.64
CA GLU A 19 -22.45 -23.98 -9.52
C GLU A 19 -21.30 -23.65 -10.47
N ARG A 20 -20.31 -22.91 -9.95
CA ARG A 20 -19.28 -22.35 -10.78
C ARG A 20 -17.90 -22.35 -10.14
N TYR A 21 -17.86 -21.89 -8.90
CA TYR A 21 -16.62 -21.75 -8.19
C TYR A 21 -16.38 -22.93 -7.27
N GLU A 22 -15.25 -23.62 -7.46
CA GLU A 22 -14.78 -24.72 -6.61
C GLU A 22 -13.70 -24.27 -5.64
N ILE A 23 -13.97 -24.30 -4.35
CA ILE A 23 -12.95 -23.88 -3.38
C ILE A 23 -11.78 -24.87 -3.34
N VAL A 24 -10.57 -24.41 -3.63
CA VAL A 24 -9.39 -25.31 -3.59
C VAL A 24 -8.31 -24.89 -2.60
N GLY A 25 -8.41 -23.70 -2.04
CA GLY A 25 -7.47 -23.28 -1.03
C GLY A 25 -7.90 -22.09 -0.19
N ASN A 26 -7.18 -21.82 0.88
CA ASN A 26 -7.41 -20.65 1.69
C ASN A 26 -6.34 -19.65 1.33
N LEU A 27 -6.70 -18.37 1.20
CA LEU A 27 -5.72 -17.34 0.89
C LEU A 27 -5.53 -16.34 2.01
N GLY A 28 -6.51 -16.19 2.87
CA GLY A 28 -6.33 -15.45 4.11
C GLY A 28 -7.67 -15.03 4.59
N GLU A 29 -7.69 -14.26 5.66
CA GLU A 29 -8.95 -13.83 6.19
C GLU A 29 -8.75 -12.69 7.13
N GLY A 30 -9.87 -12.15 7.61
CA GLY A 30 -9.87 -11.08 8.58
C GLY A 30 -11.28 -10.96 9.14
N THR A 31 -11.56 -9.82 9.77
CA THR A 31 -12.84 -9.59 10.39
C THR A 31 -13.93 -9.32 9.33
N PHE A 32 -13.53 -9.04 8.11
CA PHE A 32 -14.45 -8.81 6.97
C PHE A 32 -15.08 -10.08 6.46
N GLY A 33 -14.41 -11.19 6.62
CA GLY A 33 -14.75 -12.37 5.83
C GLY A 33 -13.51 -13.18 5.54
N LYS A 34 -13.56 -13.97 4.45
CA LYS A 34 -12.44 -14.82 4.11
C LYS A 34 -12.19 -14.72 2.62
N VAL A 35 -10.94 -14.99 2.24
CA VAL A 35 -10.56 -15.07 0.85
C VAL A 35 -10.10 -16.47 0.57
N VAL A 36 -10.70 -17.07 -0.45
CA VAL A 36 -10.39 -18.47 -0.77
C VAL A 36 -9.94 -18.52 -2.22
N GLU A 37 -9.07 -19.46 -2.54
CA GLU A 37 -8.71 -19.74 -3.91
C GLU A 37 -9.74 -20.69 -4.47
N CYS A 38 -10.24 -20.40 -5.67
CA CYS A 38 -11.21 -21.26 -6.31
C CYS A 38 -10.77 -21.55 -7.74
N LEU A 39 -11.26 -22.65 -8.28
CA LEU A 39 -11.22 -22.87 -9.72
C LEU A 39 -12.59 -22.45 -10.30
N ASP A 40 -12.54 -21.64 -11.34
CA ASP A 40 -13.71 -21.09 -12.00
C ASP A 40 -14.06 -22.08 -13.13
N HIS A 41 -15.04 -22.91 -12.88
CA HIS A 41 -15.37 -23.96 -13.89
C HIS A 41 -16.21 -23.45 -15.03
N ALA A 42 -16.61 -22.18 -15.02
CA ALA A 42 -17.19 -21.52 -16.20
C ALA A 42 -16.16 -20.83 -17.08
N ARG A 43 -14.91 -20.83 -16.62
CA ARG A 43 -13.77 -20.25 -17.31
C ARG A 43 -12.62 -21.30 -17.29
N GLY A 44 -12.95 -22.55 -17.60
CA GLY A 44 -11.94 -23.61 -17.74
C GLY A 44 -11.08 -23.93 -16.53
N LYS A 45 -11.65 -23.81 -15.35
CA LYS A 45 -10.97 -24.07 -14.09
C LYS A 45 -9.77 -23.14 -13.87
N SER A 46 -9.87 -21.91 -14.36
CA SER A 46 -8.80 -20.94 -14.11
C SER A 46 -8.84 -20.58 -12.65
N GLN A 47 -7.70 -20.12 -12.16
CA GLN A 47 -7.62 -19.80 -10.73
C GLN A 47 -8.16 -18.43 -10.46
N VAL A 48 -8.92 -18.26 -9.38
CA VAL A 48 -9.34 -16.96 -8.90
C VAL A 48 -9.17 -16.88 -7.41
N ALA A 49 -9.07 -15.66 -6.91
CA ALA A 49 -9.16 -15.36 -5.50
C ALA A 49 -10.55 -14.85 -5.24
N LEU A 50 -11.33 -15.48 -4.36
CA LEU A 50 -12.72 -15.08 -4.11
C LEU A 50 -12.85 -14.58 -2.66
N LYS A 51 -13.28 -13.32 -2.53
CA LYS A 51 -13.43 -12.68 -1.23
C LYS A 51 -14.90 -12.88 -0.84
N ILE A 52 -15.18 -13.56 0.26
CA ILE A 52 -16.50 -13.84 0.71
C ILE A 52 -16.77 -13.04 1.98
N ILE A 53 -17.61 -12.04 1.87
CA ILE A 53 -17.79 -11.08 2.97
C ILE A 53 -18.83 -11.60 3.94
N ARG A 54 -18.62 -11.30 5.23
CA ARG A 54 -19.53 -11.77 6.29
C ARG A 54 -20.94 -11.16 6.10
N ASN A 55 -21.91 -11.92 6.55
CA ASN A 55 -23.28 -11.52 6.52
C ASN A 55 -23.61 -10.58 7.69
N VAL A 56 -22.95 -9.41 7.71
CA VAL A 56 -23.05 -8.38 8.73
C VAL A 56 -23.19 -7.07 7.94
N GLY A 57 -24.20 -6.25 8.26
CA GLY A 57 -24.50 -5.07 7.47
C GLY A 57 -23.35 -4.14 7.18
N LYS A 58 -22.51 -3.83 8.18
CA LYS A 58 -21.44 -2.87 7.93
C LYS A 58 -20.45 -3.39 6.91
N TYR A 59 -20.19 -4.70 6.93
CA TYR A 59 -19.22 -5.29 5.98
C TYR A 59 -19.85 -5.45 4.59
N ARG A 60 -21.14 -5.80 4.56
CA ARG A 60 -21.84 -5.88 3.28
C ARG A 60 -21.86 -4.52 2.59
N GLU A 61 -22.23 -3.44 3.31
CA GLU A 61 -22.28 -2.13 2.67
C GLU A 61 -20.87 -1.64 2.20
N ALA A 62 -19.84 -1.90 3.00
CA ALA A 62 -18.50 -1.56 2.58
C ALA A 62 -18.08 -2.28 1.30
N ALA A 63 -18.54 -3.53 1.14
CA ALA A 63 -18.18 -4.33 -0.01
C ALA A 63 -18.89 -3.86 -1.24
N ARG A 64 -20.10 -3.39 -1.06
CA ARG A 64 -20.82 -2.79 -2.18
C ARG A 64 -20.05 -1.58 -2.77
N LEU A 65 -19.49 -0.75 -1.88
CA LEU A 65 -18.75 0.37 -2.34
C LEU A 65 -17.43 -0.09 -2.99
N GLU A 66 -16.80 -1.13 -2.43
CA GLU A 66 -15.59 -1.70 -3.04
C GLU A 66 -15.90 -2.15 -4.49
N ILE A 67 -17.04 -2.84 -4.68
CA ILE A 67 -17.44 -3.31 -6.01
C ILE A 67 -17.64 -2.14 -7.01
N ASN A 68 -18.20 -1.07 -6.51
CA ASN A 68 -18.34 0.14 -7.31
C ASN A 68 -17.01 0.72 -7.79
N VAL A 69 -16.03 0.73 -6.89
CA VAL A 69 -14.71 1.14 -7.30
C VAL A 69 -14.11 0.22 -8.37
N LEU A 70 -14.21 -1.09 -8.12
CA LEU A 70 -13.62 -2.07 -9.01
C LEU A 70 -14.28 -2.04 -10.37
N LYS A 71 -15.58 -1.77 -10.40
CA LYS A 71 -16.30 -1.58 -11.66
C LYS A 71 -15.76 -0.39 -12.45
N LYS A 72 -15.49 0.72 -11.77
CA LYS A 72 -14.99 1.91 -12.42
C LYS A 72 -13.61 1.67 -13.01
N ILE A 73 -12.74 1.06 -12.21
CA ILE A 73 -11.42 0.66 -12.70
C ILE A 73 -11.54 -0.17 -13.97
N LYS A 74 -12.44 -1.17 -13.95
CA LYS A 74 -12.59 -2.05 -15.09
C LYS A 74 -13.12 -1.27 -16.28
N GLU A 75 -14.10 -0.40 -16.04
CA GLU A 75 -14.69 0.42 -17.09
C GLU A 75 -13.62 1.26 -17.77
N LYS A 76 -12.62 1.71 -16.99
CA LYS A 76 -11.67 2.69 -17.50
C LYS A 76 -10.33 2.10 -17.95
N ASP A 77 -10.10 0.84 -17.69
CA ASP A 77 -8.85 0.18 -18.09
C ASP A 77 -9.09 -1.04 -18.99
N LYS A 78 -9.48 -0.76 -20.21
CA LYS A 78 -9.89 -1.82 -21.14
C LYS A 78 -8.75 -2.69 -21.65
N GLU A 79 -7.52 -2.16 -21.63
CA GLU A 79 -6.36 -2.95 -22.05
C GLU A 79 -5.68 -3.63 -20.88
N ASN A 80 -6.30 -3.50 -19.69
CA ASN A 80 -5.75 -4.03 -18.46
C ASN A 80 -4.29 -3.62 -18.37
N LYS A 81 -4.05 -2.33 -18.46
CA LYS A 81 -2.68 -1.84 -18.51
C LYS A 81 -2.34 -0.92 -17.36
N PHE A 82 -3.32 -0.60 -16.50
CA PHE A 82 -3.00 0.27 -15.34
C PHE A 82 -2.74 -0.45 -14.01
N LEU A 83 -2.67 -1.77 -14.01
CA LEU A 83 -2.04 -2.51 -12.97
C LEU A 83 -2.76 -2.54 -11.63
N CYS A 84 -4.05 -2.29 -11.71
CA CYS A 84 -4.93 -2.54 -10.59
C CYS A 84 -5.52 -3.91 -10.70
N VAL A 85 -5.78 -4.54 -9.59
CA VAL A 85 -6.21 -5.93 -9.60
C VAL A 85 -7.60 -5.94 -10.31
N LEU A 86 -7.79 -6.97 -11.13
CA LEU A 86 -8.92 -7.03 -12.01
C LEU A 86 -9.99 -7.92 -11.36
N MET A 87 -11.18 -7.33 -11.14
CA MET A 87 -12.36 -8.08 -10.68
C MET A 87 -12.97 -8.79 -11.85
N SER A 88 -13.16 -10.09 -11.73
CA SER A 88 -13.77 -10.87 -12.80
C SER A 88 -15.26 -11.14 -12.62
N ASP A 89 -15.75 -11.06 -11.40
CA ASP A 89 -17.13 -11.34 -11.06
C ASP A 89 -17.42 -10.77 -9.69
N TRP A 90 -18.69 -10.52 -9.41
CA TRP A 90 -19.22 -10.31 -8.10
C TRP A 90 -20.66 -10.75 -8.04
N PHE A 91 -21.08 -11.08 -6.85
CA PHE A 91 -22.42 -11.57 -6.58
C PHE A 91 -22.78 -11.51 -5.12
N ASN A 92 -24.07 -11.55 -4.79
CA ASN A 92 -24.56 -11.65 -3.45
C ASN A 92 -25.03 -13.07 -3.26
N PHE A 93 -24.29 -13.81 -2.46
CA PHE A 93 -24.55 -15.20 -2.16
C PHE A 93 -25.18 -15.29 -0.76
N HIS A 94 -26.52 -15.34 -0.72
CA HIS A 94 -27.25 -15.46 0.53
C HIS A 94 -26.82 -14.38 1.56
N GLY A 95 -26.63 -13.16 1.06
CA GLY A 95 -26.27 -12.01 1.86
C GLY A 95 -24.79 -11.74 1.96
N HIS A 96 -23.99 -12.73 1.57
CA HIS A 96 -22.56 -12.56 1.48
C HIS A 96 -22.21 -11.95 0.13
N MET A 97 -21.67 -10.74 0.16
CA MET A 97 -21.02 -10.19 -1.01
C MET A 97 -19.79 -10.99 -1.33
N CYS A 98 -19.66 -11.42 -2.58
CA CYS A 98 -18.54 -12.15 -3.04
C CYS A 98 -17.92 -11.40 -4.19
N ILE A 99 -16.61 -11.30 -4.21
CA ILE A 99 -15.88 -10.63 -5.26
C ILE A 99 -14.75 -11.56 -5.73
N ALA A 100 -14.73 -11.86 -7.01
CA ALA A 100 -13.74 -12.71 -7.63
C ALA A 100 -12.70 -11.86 -8.34
N PHE A 101 -11.42 -12.20 -8.13
CA PHE A 101 -10.31 -11.53 -8.77
C PHE A 101 -9.28 -12.47 -9.27
N GLU A 102 -8.44 -11.93 -10.12
CA GLU A 102 -7.22 -12.65 -10.54
C GLU A 102 -6.36 -13.09 -9.35
N LEU A 103 -5.87 -14.32 -9.46
CA LEU A 103 -4.99 -14.90 -8.48
C LEU A 103 -3.59 -14.53 -8.85
N LEU A 104 -2.94 -13.81 -7.94
CA LEU A 104 -1.57 -13.36 -8.13
C LEU A 104 -0.61 -14.02 -7.16
N GLY A 105 0.64 -13.55 -7.17
CA GLY A 105 1.68 -14.10 -6.34
C GLY A 105 1.75 -13.45 -4.98
N LYS A 106 2.87 -13.67 -4.31
CA LYS A 106 3.07 -13.13 -2.97
C LYS A 106 3.08 -11.57 -3.00
N ASN A 107 2.61 -11.00 -1.90
CA ASN A 107 2.72 -9.57 -1.74
C ASN A 107 4.12 -9.11 -1.44
N THR A 108 4.40 -7.83 -1.66
CA THR A 108 5.76 -7.38 -1.59
C THR A 108 6.30 -7.37 -0.17
N PHE A 109 5.42 -7.30 0.81
CA PHE A 109 5.83 -7.45 2.22
C PHE A 109 6.24 -8.91 2.50
N GLU A 110 5.40 -9.86 2.11
CA GLU A 110 5.69 -11.27 2.32
C GLU A 110 7.04 -11.60 1.67
N PHE A 111 7.26 -11.16 0.45
CA PHE A 111 8.51 -11.45 -0.22
C PHE A 111 9.71 -10.88 0.57
N LEU A 112 9.59 -9.63 1.02
CA LEU A 112 10.67 -9.01 1.81
C LEU A 112 10.93 -9.81 3.09
N LYS A 113 9.87 -10.18 3.79
CA LYS A 113 10.01 -10.99 5.01
C LYS A 113 10.73 -12.31 4.69
N GLU A 114 10.35 -12.98 3.62
CA GLU A 114 10.95 -14.26 3.20
C GLU A 114 12.41 -14.09 2.81
N ASN A 115 12.79 -12.85 2.48
CA ASN A 115 14.17 -12.50 2.19
C ASN A 115 14.87 -11.94 3.45
N ASN A 116 14.34 -12.23 4.63
CA ASN A 116 14.95 -11.77 5.86
C ASN A 116 15.11 -10.27 5.96
N PHE A 117 14.18 -9.59 5.31
CA PHE A 117 14.08 -8.12 5.29
C PHE A 117 15.30 -7.47 4.65
N GLN A 118 16.05 -8.26 3.88
CA GLN A 118 17.08 -7.70 3.00
C GLN A 118 16.38 -6.96 1.84
N PRO A 119 16.82 -5.73 1.56
CA PRO A 119 16.04 -4.95 0.61
C PRO A 119 16.05 -5.36 -0.83
N TYR A 120 15.12 -4.84 -1.60
CA TYR A 120 15.11 -5.02 -3.01
C TYR A 120 16.25 -4.24 -3.63
N PRO A 121 16.89 -4.79 -4.66
CA PRO A 121 17.86 -4.05 -5.41
C PRO A 121 17.30 -2.77 -6.05
N LEU A 122 18.15 -1.78 -6.22
CA LEU A 122 17.66 -0.49 -6.74
C LEU A 122 16.89 -0.59 -8.05
N PRO A 123 17.32 -1.39 -9.02
CA PRO A 123 16.54 -1.44 -10.24
C PRO A 123 15.13 -2.00 -10.02
N HIS A 124 15.00 -2.90 -9.06
CA HIS A 124 13.73 -3.43 -8.64
C HIS A 124 12.91 -2.35 -7.97
N VAL A 125 13.52 -1.60 -7.05
CA VAL A 125 12.80 -0.47 -6.41
C VAL A 125 12.34 0.48 -7.51
N ARG A 126 13.18 0.81 -8.48
CA ARG A 126 12.83 1.73 -9.53
C ARG A 126 11.64 1.24 -10.39
N HIS A 127 11.68 -0.03 -10.78
CA HIS A 127 10.59 -0.55 -11.62
C HIS A 127 9.28 -0.60 -10.81
N MET A 128 9.35 -1.07 -9.58
CA MET A 128 8.14 -1.05 -8.75
C MET A 128 7.61 0.36 -8.52
N ALA A 129 8.51 1.31 -8.26
CA ALA A 129 8.12 2.71 -8.12
C ALA A 129 7.35 3.20 -9.36
N TYR A 130 7.93 2.92 -10.54
CA TYR A 130 7.33 3.38 -11.79
C TYR A 130 5.88 2.80 -11.92
N GLN A 131 5.77 1.52 -11.62
CA GLN A 131 4.52 0.86 -11.68
C GLN A 131 3.48 1.44 -10.69
N LEU A 132 3.90 1.72 -9.48
CA LEU A 132 2.99 2.31 -8.49
C LEU A 132 2.56 3.66 -8.94
N CYS A 133 3.48 4.43 -9.46
CA CYS A 133 3.14 5.77 -9.95
C CYS A 133 2.11 5.71 -11.09
N HIS A 134 2.31 4.77 -12.01
CA HIS A 134 1.49 4.64 -13.17
C HIS A 134 0.09 4.20 -12.75
N ALA A 135 0.02 3.23 -11.84
CA ALA A 135 -1.26 2.70 -11.41
C ALA A 135 -2.09 3.75 -10.69
N LEU A 136 -1.45 4.42 -9.73
CA LEU A 136 -2.17 5.38 -8.93
C LEU A 136 -2.44 6.68 -9.68
N ARG A 137 -1.60 7.05 -10.66
CA ARG A 137 -1.93 8.22 -11.43
C ARG A 137 -3.28 7.96 -12.16
N PHE A 138 -3.42 6.74 -12.67
CA PHE A 138 -4.67 6.32 -13.27
C PHE A 138 -5.85 6.41 -12.32
N LEU A 139 -5.69 5.87 -11.11
CA LEU A 139 -6.73 6.00 -10.10
C LEU A 139 -7.06 7.45 -9.84
N HIS A 140 -6.02 8.26 -9.58
CA HIS A 140 -6.19 9.64 -9.22
C HIS A 140 -6.93 10.45 -10.29
N GLU A 141 -6.66 10.12 -11.56
CA GLU A 141 -7.37 10.80 -12.70
C GLU A 141 -8.80 10.43 -12.80
N ASN A 142 -9.21 9.41 -12.07
CA ASN A 142 -10.61 8.93 -12.03
C ASN A 142 -11.25 9.28 -10.67
N GLN A 143 -10.78 10.36 -10.03
CA GLN A 143 -11.40 10.87 -8.82
C GLN A 143 -11.44 9.85 -7.69
N LEU A 144 -10.37 9.04 -7.59
CA LEU A 144 -10.28 7.98 -6.58
C LEU A 144 -8.98 8.15 -5.81
N THR A 145 -8.99 7.76 -4.52
CA THR A 145 -7.81 7.71 -3.63
C THR A 145 -7.93 6.33 -3.01
N HIS A 146 -6.83 5.60 -3.06
CA HIS A 146 -6.79 4.26 -2.47
C HIS A 146 -6.94 4.26 -0.94
N THR A 147 -6.07 5.06 -0.31
CA THR A 147 -5.96 5.35 1.12
C THR A 147 -5.32 4.31 1.94
N ASP A 148 -5.05 3.13 1.41
CA ASP A 148 -4.39 2.13 2.27
C ASP A 148 -3.30 1.43 1.52
N LEU A 149 -2.46 2.20 0.86
CA LEU A 149 -1.35 1.57 0.20
C LEU A 149 -0.30 1.21 1.22
N LYS A 150 0.24 0.02 1.07
CA LYS A 150 1.26 -0.52 1.97
C LYS A 150 1.84 -1.74 1.24
N PRO A 151 3.01 -2.20 1.64
CA PRO A 151 3.61 -3.30 0.87
C PRO A 151 2.73 -4.55 0.82
N GLU A 152 1.90 -4.77 1.83
CA GLU A 152 1.00 -5.96 1.85
C GLU A 152 -0.04 -5.93 0.73
N ASN A 153 -0.39 -4.72 0.26
CA ASN A 153 -1.40 -4.59 -0.76
C ASN A 153 -0.84 -4.40 -2.19
N ILE A 154 0.46 -4.60 -2.36
CA ILE A 154 1.14 -4.60 -3.64
C ILE A 154 1.63 -6.05 -3.87
N LEU A 155 1.09 -6.64 -4.94
CA LEU A 155 1.32 -8.04 -5.20
C LEU A 155 2.16 -8.25 -6.43
N PHE A 156 3.07 -9.23 -6.36
CA PHE A 156 3.76 -9.68 -7.55
C PHE A 156 2.81 -10.52 -8.42
N VAL A 157 2.88 -10.25 -9.73
CA VAL A 157 2.15 -11.11 -10.67
C VAL A 157 2.65 -12.56 -10.50
N ASN A 158 3.97 -12.70 -10.38
CA ASN A 158 4.62 -13.98 -10.12
C ASN A 158 5.83 -13.73 -9.21
N SER A 159 5.81 -14.32 -8.03
CA SER A 159 6.85 -14.09 -7.00
C SER A 159 7.97 -15.13 -6.96
N GLU A 160 8.10 -15.91 -8.04
CA GLU A 160 9.20 -16.86 -8.14
CA GLU A 160 9.22 -16.85 -8.16
C GLU A 160 10.52 -16.07 -8.05
N PHE A 161 11.47 -16.64 -7.32
CA PHE A 161 12.70 -15.99 -7.07
C PHE A 161 13.86 -16.78 -7.58
N GLU A 162 14.94 -16.08 -7.67
CA GLU A 162 16.22 -16.65 -7.95
C GLU A 162 17.01 -16.53 -6.66
N THR A 163 17.88 -17.48 -6.46
CA THR A 163 18.72 -17.45 -5.31
C THR A 163 19.99 -16.76 -5.80
N LEU A 164 20.46 -15.74 -5.09
CA LEU A 164 21.76 -15.16 -5.41
C LEU A 164 22.86 -15.93 -4.66
N TYR A 165 22.63 -16.11 -3.37
CA TYR A 165 23.55 -16.90 -2.57
C TYR A 165 22.76 -17.72 -1.57
N ASN A 166 23.42 -18.77 -1.09
CA ASN A 166 22.83 -19.58 -0.02
C ASN A 166 23.95 -20.14 0.81
N GLU A 167 24.52 -19.28 1.65
CA GLU A 167 25.61 -19.69 2.52
C GLU A 167 25.06 -20.40 3.73
N HIS A 168 25.79 -21.42 4.18
CA HIS A 168 25.29 -22.27 5.24
C HIS A 168 25.07 -21.45 6.54
N SER A 170 23.60 -18.82 7.24
CA SER A 170 22.93 -17.55 6.88
C SER A 170 21.64 -17.75 6.09
N CYS A 171 20.83 -16.70 6.02
CA CYS A 171 19.61 -16.77 5.21
C CYS A 171 19.94 -16.69 3.71
N GLU A 172 19.13 -17.38 2.94
CA GLU A 172 19.20 -17.38 1.49
C GLU A 172 18.91 -15.98 0.97
N GLU A 173 19.79 -15.45 0.13
CA GLU A 173 19.61 -14.11 -0.42
C GLU A 173 18.85 -14.25 -1.75
N LYS A 174 17.66 -13.66 -1.82
CA LYS A 174 16.71 -13.96 -2.90
C LYS A 174 16.39 -12.68 -3.66
N SER A 175 16.16 -12.79 -4.96
CA SER A 175 15.69 -11.70 -5.81
C SER A 175 14.54 -12.21 -6.58
N VAL A 176 13.50 -11.40 -6.71
CA VAL A 176 12.31 -11.81 -7.45
C VAL A 176 12.78 -11.78 -8.95
N LYS A 177 12.26 -12.78 -9.69
CA LYS A 177 12.62 -12.86 -11.14
C LYS A 177 11.87 -11.82 -12.00
N ASN A 178 10.62 -11.56 -11.69
CA ASN A 178 9.79 -10.64 -12.42
C ASN A 178 9.19 -9.62 -11.44
N THR A 179 9.52 -8.35 -11.66
CA THR A 179 9.10 -7.31 -10.74
C THR A 179 7.78 -6.69 -11.16
N SER A 180 7.01 -7.28 -12.07
CA SER A 180 5.69 -6.80 -12.40
C SER A 180 4.79 -6.98 -11.18
N ILE A 181 4.09 -5.90 -10.85
CA ILE A 181 3.23 -5.84 -9.65
C ILE A 181 1.82 -5.41 -10.02
N ARG A 182 0.89 -5.62 -9.11
CA ARG A 182 -0.46 -5.06 -9.17
C ARG A 182 -0.84 -4.46 -7.85
N VAL A 183 -1.70 -3.43 -7.91
CA VAL A 183 -2.23 -2.79 -6.71
C VAL A 183 -3.51 -3.47 -6.36
N ALA A 184 -3.63 -3.89 -5.12
CA ALA A 184 -4.77 -4.60 -4.61
C ALA A 184 -5.48 -3.93 -3.43
N ASP A 185 -6.56 -4.54 -2.99
CA ASP A 185 -7.34 -4.16 -1.82
C ASP A 185 -7.92 -2.77 -1.91
N PHE A 186 -8.92 -2.67 -2.77
CA PHE A 186 -9.65 -1.40 -2.92
C PHE A 186 -10.83 -1.22 -1.96
N GLY A 187 -10.80 -1.93 -0.84
CA GLY A 187 -11.84 -1.88 0.15
C GLY A 187 -11.94 -0.59 0.95
N SER A 188 -10.92 0.27 0.89
CA SER A 188 -10.92 1.60 1.49
C SER A 188 -10.96 2.73 0.49
N ALA A 189 -10.97 2.39 -0.80
CA ALA A 189 -10.84 3.43 -1.84
C ALA A 189 -12.05 4.30 -1.83
N THR A 190 -11.82 5.60 -2.01
CA THR A 190 -12.83 6.63 -1.79
C THR A 190 -12.88 7.53 -3.04
N PHE A 191 -14.09 7.74 -3.62
CA PHE A 191 -14.28 8.75 -4.63
C PHE A 191 -14.29 10.16 -4.02
N ASP A 192 -13.90 11.14 -4.85
CA ASP A 192 -13.79 12.53 -4.37
C ASP A 192 -15.06 13.02 -3.71
N HIS A 193 -16.20 12.58 -4.23
CA HIS A 193 -17.47 13.09 -3.74
C HIS A 193 -18.04 12.39 -2.53
N GLU A 194 -17.46 11.26 -2.17
CA GLU A 194 -17.98 10.42 -1.14
C GLU A 194 -17.50 10.89 0.20
N HIS A 195 -18.21 10.41 1.22
CA HIS A 195 -17.74 10.63 2.57
C HIS A 195 -16.29 10.16 2.76
N HIS A 196 -15.45 11.00 3.33
CA HIS A 196 -14.07 10.62 3.65
C HIS A 196 -13.96 10.20 5.11
N THR A 197 -13.59 8.96 5.35
CA THR A 197 -13.24 8.49 6.65
C THR A 197 -12.12 9.39 7.15
N THR A 198 -12.18 9.76 8.40
CA THR A 198 -11.18 10.72 8.96
C THR A 198 -9.79 10.11 9.09
N ILE A 199 -9.71 9.01 9.77
CA ILE A 199 -8.40 8.38 10.00
C ILE A 199 -8.32 7.24 8.97
N VAL A 200 -7.52 7.48 7.94
CA VAL A 200 -7.24 6.50 6.90
C VAL A 200 -5.79 6.10 6.93
N ALA A 201 -5.49 5.06 6.19
CA ALA A 201 -4.18 4.46 6.02
C ALA A 201 -3.75 3.68 7.21
N THR A 202 -2.81 2.76 7.01
CA THR A 202 -2.14 2.06 8.12
C THR A 202 -1.06 2.99 8.64
N ARG A 203 -0.87 2.91 9.96
CA ARG A 203 0.03 3.80 10.67
C ARG A 203 1.27 4.23 9.93
N HIS A 204 2.07 3.26 9.49
CA HIS A 204 3.39 3.64 8.99
C HIS A 204 3.38 4.41 7.74
N TYR A 205 2.24 4.30 7.02
CA TYR A 205 2.05 4.88 5.66
C TYR A 205 1.10 6.08 5.68
N ARG A 206 0.76 6.57 6.88
CA ARG A 206 -0.25 7.60 7.03
C ARG A 206 0.42 8.99 7.00
N PRO A 207 -0.15 9.93 6.23
CA PRO A 207 0.43 11.25 6.10
C PRO A 207 0.08 12.21 7.22
N PRO A 208 0.85 13.31 7.34
CA PRO A 208 0.58 14.27 8.38
C PRO A 208 -0.75 14.94 8.34
N GLU A 209 -1.31 15.17 7.14
CA GLU A 209 -2.64 15.84 7.07
C GLU A 209 -3.74 14.93 7.61
N VAL A 210 -3.56 13.61 7.58
CA VAL A 210 -4.47 12.71 8.18
C VAL A 210 -4.33 12.78 9.70
N ILE A 211 -3.10 12.62 10.18
CA ILE A 211 -2.88 12.70 11.59
C ILE A 211 -3.45 13.99 12.21
N LEU A 212 -3.24 15.08 11.51
CA LEU A 212 -3.64 16.39 11.99
C LEU A 212 -5.09 16.73 11.64
N GLU A 213 -5.79 15.81 10.95
CA GLU A 213 -7.20 15.97 10.66
C GLU A 213 -7.45 17.25 9.89
N LEU A 214 -6.68 17.44 8.84
CA LEU A 214 -6.78 18.64 8.01
C LEU A 214 -7.52 18.43 6.69
N GLY A 215 -8.11 17.26 6.53
CA GLY A 215 -8.63 16.90 5.23
C GLY A 215 -7.60 16.17 4.40
N TRP A 216 -8.05 15.28 3.54
CA TRP A 216 -7.12 14.54 2.68
C TRP A 216 -7.73 14.23 1.37
N ALA A 217 -6.88 13.93 0.38
CA ALA A 217 -7.34 13.55 -0.96
C ALA A 217 -6.18 12.75 -1.56
N GLN A 218 -6.07 12.80 -2.89
CA GLN A 218 -5.08 11.99 -3.57
C GLN A 218 -3.65 12.09 -3.02
N PRO A 219 -3.24 13.27 -2.56
CA PRO A 219 -1.85 13.30 -2.03
C PRO A 219 -1.54 12.33 -0.93
N CYS A 220 -2.57 11.85 -0.19
CA CYS A 220 -2.42 10.80 0.81
C CYS A 220 -1.65 9.63 0.26
N ASP A 221 -2.07 9.18 -0.89
CA ASP A 221 -1.44 8.01 -1.54
C ASP A 221 -0.03 8.22 -1.93
N VAL A 222 0.31 9.47 -2.27
CA VAL A 222 1.66 9.81 -2.68
C VAL A 222 2.59 9.67 -1.49
N TRP A 223 2.15 10.19 -0.35
CA TRP A 223 2.92 9.99 0.89
C TRP A 223 3.14 8.51 1.17
N SER A 224 2.04 7.70 1.06
CA SER A 224 2.20 6.28 1.31
C SER A 224 3.22 5.65 0.40
N ILE A 225 3.15 6.02 -0.89
CA ILE A 225 4.12 5.49 -1.84
C ILE A 225 5.55 5.85 -1.43
N GLY A 226 5.77 7.11 -1.02
CA GLY A 226 7.12 7.45 -0.58
C GLY A 226 7.63 6.57 0.56
N CYS A 227 6.75 6.31 1.52
CA CYS A 227 7.06 5.43 2.64
C CYS A 227 7.37 4.04 2.15
N ILE A 228 6.55 3.53 1.24
CA ILE A 228 6.76 2.18 0.65
C ILE A 228 8.10 2.08 -0.06
N LEU A 229 8.45 3.09 -0.83
CA LEU A 229 9.76 3.00 -1.55
C LEU A 229 10.95 2.97 -0.61
N PHE A 230 10.87 3.74 0.44
CA PHE A 230 11.93 3.73 1.50
C PHE A 230 12.10 2.31 2.01
N GLU A 231 10.95 1.69 2.27
CA GLU A 231 10.92 0.33 2.88
C GLU A 231 11.43 -0.69 1.89
N TYR A 232 11.11 -0.52 0.61
CA TYR A 232 11.66 -1.47 -0.36
C TYR A 232 13.19 -1.30 -0.48
N TYR A 233 13.64 -0.05 -0.37
CA TYR A 233 15.08 0.29 -0.52
C TYR A 233 15.90 -0.13 0.68
N ARG A 234 15.38 -0.03 1.89
CA ARG A 234 16.14 -0.37 3.11
C ARG A 234 15.72 -1.70 3.72
N GLY A 235 14.45 -2.06 3.55
CA GLY A 235 13.88 -3.31 4.12
C GLY A 235 13.17 -3.10 5.42
N PHE A 236 13.32 -1.92 6.01
CA PHE A 236 12.66 -1.50 7.27
C PHE A 236 11.78 -0.26 7.01
N THR A 237 10.79 -0.03 7.85
CA THR A 237 9.86 1.06 7.74
C THR A 237 10.52 2.38 8.03
N LEU A 238 10.04 3.44 7.39
CA LEU A 238 10.54 4.77 7.63
C LEU A 238 10.13 5.27 9.02
N PHE A 239 8.87 4.99 9.39
CA PHE A 239 8.25 5.47 10.61
C PHE A 239 7.79 4.34 11.49
N GLN A 240 8.68 3.89 12.38
CA GLN A 240 8.37 2.75 13.24
CA GLN A 240 8.42 2.75 13.26
C GLN A 240 7.88 3.29 14.58
N THR A 241 6.58 3.50 14.63
CA THR A 241 5.92 4.14 15.76
C THR A 241 4.46 3.74 15.76
N HIS A 242 3.84 3.89 16.92
CA HIS A 242 2.42 3.68 17.10
C HIS A 242 1.68 4.77 17.84
N GLU A 243 2.20 6.00 17.79
CA GLU A 243 1.54 7.10 18.45
C GLU A 243 1.77 8.41 17.71
N ASN A 244 0.71 9.23 17.57
CA ASN A 244 0.73 10.41 16.72
C ASN A 244 1.81 11.43 17.04
N ARG A 245 1.97 11.78 18.31
CA ARG A 245 2.95 12.84 18.60
C ARG A 245 4.35 12.41 18.25
N GLU A 246 4.70 11.20 18.63
CA GLU A 246 6.01 10.60 18.31
C GLU A 246 6.20 10.52 16.79
N HIS A 247 5.13 10.15 16.08
CA HIS A 247 5.17 10.04 14.61
C HIS A 247 5.49 11.38 13.99
N LEU A 248 4.82 12.43 14.45
CA LEU A 248 5.07 13.79 13.95
C LEU A 248 6.49 14.25 14.24
N VAL A 249 6.94 13.91 15.42
CA VAL A 249 8.31 14.22 15.76
C VAL A 249 9.31 13.51 14.85
N MET A 250 9.08 12.22 14.58
CA MET A 250 9.90 11.51 13.64
C MET A 250 9.87 12.19 12.29
N MET A 251 8.67 12.58 11.83
CA MET A 251 8.59 13.26 10.54
C MET A 251 9.47 14.49 10.54
N GLU A 252 9.46 15.27 11.63
CA GLU A 252 10.27 16.48 11.63
CA GLU A 252 10.29 16.46 11.65
C GLU A 252 11.78 16.15 11.65
N LYS A 253 12.17 15.14 12.38
CA LYS A 253 13.60 14.76 12.49
C LYS A 253 14.15 14.27 11.16
N ILE A 254 13.30 13.62 10.38
CA ILE A 254 13.69 12.98 9.15
C ILE A 254 13.57 13.94 8.00
N LEU A 255 12.51 14.77 8.01
CA LEU A 255 12.13 15.54 6.84
C LEU A 255 12.19 17.03 6.94
N GLY A 256 12.29 17.55 8.16
CA GLY A 256 12.41 19.00 8.39
C GLY A 256 11.16 19.55 9.04
N PRO A 257 11.07 20.86 9.15
CA PRO A 257 10.05 21.38 10.06
C PRO A 257 8.67 21.29 9.46
N ILE A 258 7.68 21.08 10.31
CA ILE A 258 6.29 21.08 9.84
C ILE A 258 5.87 22.50 9.56
N PRO A 259 5.23 22.75 8.40
CA PRO A 259 4.77 24.09 8.07
C PRO A 259 3.87 24.69 9.12
N SER A 260 4.10 25.95 9.49
CA SER A 260 3.34 26.60 10.50
C SER A 260 1.82 26.63 10.24
N HIS A 261 1.45 26.82 8.97
CA HIS A 261 0.07 26.90 8.62
C HIS A 261 -0.68 25.63 8.99
N MET A 262 -0.02 24.48 8.85
CA MET A 262 -0.68 23.22 9.22
C MET A 262 -0.90 23.14 10.72
N ILE A 263 0.06 23.62 11.48
CA ILE A 263 -0.09 23.58 12.94
C ILE A 263 -1.15 24.54 13.43
N HIS A 264 -1.29 25.69 12.81
CA HIS A 264 -2.31 26.59 13.21
C HIS A 264 -3.70 26.06 12.91
N ARG A 265 -3.83 25.27 11.86
CA ARG A 265 -5.11 24.83 11.39
C ARG A 265 -5.62 23.57 12.12
N THR A 266 -4.72 22.77 12.67
CA THR A 266 -5.11 21.48 13.21
C THR A 266 -5.90 21.57 14.49
N ARG A 267 -6.89 20.69 14.65
CA ARG A 267 -7.59 20.63 15.95
C ARG A 267 -6.77 19.86 16.95
N LYS A 268 -5.72 19.18 16.48
CA LYS A 268 -4.83 18.46 17.33
C LYS A 268 -3.79 19.35 18.04
N GLN A 269 -4.30 20.39 18.72
CA GLN A 269 -3.45 21.34 19.38
C GLN A 269 -2.68 20.77 20.55
N LYS A 270 -3.21 19.73 21.17
CA LYS A 270 -2.54 19.12 22.32
C LYS A 270 -1.13 18.64 22.01
N TYR A 271 -0.80 18.38 20.75
CA TYR A 271 0.56 17.91 20.38
C TYR A 271 1.59 18.99 20.31
N PHE A 272 1.13 20.23 20.44
CA PHE A 272 2.01 21.39 20.25
C PHE A 272 1.93 22.37 21.43
N TYR A 273 2.97 23.17 21.51
CA TYR A 273 3.00 24.28 22.46
C TYR A 273 3.83 25.39 21.88
N LYS A 274 3.22 26.56 21.76
CA LYS A 274 3.88 27.73 21.17
C LYS A 274 4.46 27.41 19.82
N GLY A 275 3.72 26.62 19.03
CA GLY A 275 4.09 26.30 17.65
C GLY A 275 5.06 25.15 17.42
N GLY A 276 5.62 24.57 18.49
CA GLY A 276 6.54 23.44 18.36
C GLY A 276 5.94 22.15 18.92
N LEU A 277 6.38 20.99 18.40
CA LEU A 277 5.96 19.72 18.94
C LEU A 277 6.41 19.57 20.36
N VAL A 278 5.52 19.10 21.22
CA VAL A 278 5.88 18.77 22.62
C VAL A 278 6.67 17.45 22.60
N TRP A 279 7.93 17.48 23.06
CA TRP A 279 8.79 16.30 22.97
C TRP A 279 9.98 16.45 23.92
N ASP A 280 10.15 15.45 24.77
CA ASP A 280 11.21 15.47 25.82
C ASP A 280 12.35 14.66 25.24
N GLU A 281 13.35 15.34 24.72
CA GLU A 281 14.34 14.66 23.88
C GLU A 281 15.34 13.75 24.65
N ASN A 282 15.42 13.94 25.97
CA ASN A 282 16.36 13.17 26.79
CA ASN A 282 16.35 13.20 26.84
C ASN A 282 15.66 12.12 27.67
N SER A 283 14.37 11.89 27.42
CA SER A 283 13.59 10.83 28.04
C SER A 283 13.94 9.53 27.32
N SER A 284 13.41 8.39 27.77
CA SER A 284 13.69 7.11 27.09
C SER A 284 13.30 7.09 25.61
N ASP A 285 12.08 7.55 25.30
CA ASP A 285 11.62 7.62 23.91
C ASP A 285 12.41 8.66 23.12
N GLY A 286 12.73 9.77 23.78
CA GLY A 286 13.59 10.77 23.19
C GLY A 286 14.89 10.20 22.68
N ARG A 287 15.64 9.54 23.57
CA ARG A 287 16.91 8.94 23.14
C ARG A 287 16.73 7.95 21.98
N TYR A 288 15.66 7.15 22.00
CA TYR A 288 15.40 6.21 20.95
C TYR A 288 15.16 6.90 19.60
N VAL A 289 14.38 7.98 19.62
CA VAL A 289 14.12 8.71 18.38
C VAL A 289 15.39 9.45 17.99
N LYS A 290 16.09 10.01 18.99
CA LYS A 290 17.43 10.62 18.74
C LYS A 290 18.39 9.63 18.09
N GLU A 291 18.44 8.43 18.63
CA GLU A 291 19.30 7.39 18.09
C GLU A 291 18.95 6.89 16.72
N ASN A 292 17.64 6.73 16.43
CA ASN A 292 17.21 5.94 15.25
C ASN A 292 16.66 6.76 14.10
N CYS A 293 16.30 8.02 14.34
CA CYS A 293 15.60 8.86 13.35
C CYS A 293 16.41 10.06 12.86
N LYS A 294 17.06 9.91 11.71
CA LYS A 294 17.98 10.91 11.22
C LYS A 294 17.48 11.51 9.91
N PRO A 295 18.12 12.56 9.43
CA PRO A 295 17.67 13.13 8.17
C PRO A 295 17.64 12.12 7.05
N LEU A 296 16.63 12.24 6.21
CA LEU A 296 16.27 11.26 5.15
C LEU A 296 17.49 10.88 4.33
N LYS A 297 18.31 11.85 3.92
CA LYS A 297 19.42 11.53 3.02
C LYS A 297 20.46 10.64 3.69
N SER A 298 20.45 10.59 5.00
CA SER A 298 21.42 9.76 5.71
C SER A 298 21.25 8.26 5.43
N TYR A 299 20.02 7.89 5.04
CA TYR A 299 19.67 6.49 4.74
C TYR A 299 20.08 6.02 3.36
N MET A 300 20.69 6.87 2.54
CA MET A 300 21.18 6.42 1.27
C MET A 300 22.28 5.39 1.46
N LEU A 301 22.25 4.34 0.64
CA LEU A 301 23.26 3.26 0.67
C LEU A 301 24.46 3.48 -0.31
N GLN A 302 24.25 4.24 -1.38
CA GLN A 302 25.28 4.59 -2.38
C GLN A 302 25.14 6.10 -2.65
N ASP A 303 26.22 6.71 -3.14
CA ASP A 303 26.25 8.15 -3.42
C ASP A 303 26.08 8.40 -4.91
N SER A 304 25.81 7.35 -5.67
CA SER A 304 25.66 7.43 -7.10
C SER A 304 24.37 8.09 -7.53
N LEU A 305 24.36 8.51 -8.79
CA LEU A 305 23.29 9.32 -9.36
C LEU A 305 21.94 8.66 -9.14
N GLU A 306 21.83 7.39 -9.43
CA GLU A 306 20.52 6.74 -9.35
CA GLU A 306 20.53 6.70 -9.35
C GLU A 306 19.97 6.75 -7.93
N HIS A 307 20.85 6.67 -6.94
CA HIS A 307 20.42 6.72 -5.55
C HIS A 307 20.00 8.15 -5.17
N VAL A 308 20.77 9.10 -5.68
CA VAL A 308 20.45 10.50 -5.41
C VAL A 308 19.09 10.82 -5.98
N GLN A 309 18.84 10.37 -7.19
CA GLN A 309 17.52 10.56 -7.82
C GLN A 309 16.36 9.89 -7.08
N LEU A 310 16.58 8.65 -6.64
CA LEU A 310 15.57 7.98 -5.80
C LEU A 310 15.22 8.85 -4.61
N PHE A 311 16.24 9.34 -3.91
CA PHE A 311 15.97 10.10 -2.71
C PHE A 311 15.36 11.45 -2.99
N ASP A 312 15.67 12.06 -4.15
CA ASP A 312 14.95 13.29 -4.50
C ASP A 312 13.47 13.04 -4.72
N LEU A 313 13.14 11.94 -5.42
CA LEU A 313 11.74 11.65 -5.66
C LEU A 313 11.04 11.36 -4.37
N MET A 314 11.67 10.55 -3.57
CA MET A 314 11.04 10.20 -2.27
C MET A 314 10.82 11.47 -1.43
N ARG A 315 11.79 12.41 -1.39
CA ARG A 315 11.56 13.64 -0.66
C ARG A 315 10.36 14.40 -1.14
N ARG A 316 10.21 14.43 -2.46
CA ARG A 316 9.07 15.12 -3.07
C ARG A 316 7.74 14.44 -2.76
N MET A 317 7.80 13.13 -2.59
CA MET A 317 6.59 12.37 -2.21
C MET A 317 6.26 12.57 -0.75
N LEU A 318 7.27 12.91 0.03
CA LEU A 318 7.18 13.08 1.52
C LEU A 318 7.10 14.55 1.93
N GLU A 319 6.60 15.42 1.07
CA GLU A 319 6.41 16.80 1.44
C GLU A 319 5.33 16.87 2.48
N PHE A 320 5.53 17.59 3.58
CA PHE A 320 4.48 17.74 4.60
C PHE A 320 3.17 18.29 4.04
N ASP A 321 3.24 19.40 3.32
CA ASP A 321 2.04 20.05 2.86
C ASP A 321 1.53 19.28 1.66
N PRO A 322 0.35 18.72 1.78
CA PRO A 322 -0.15 17.94 0.64
C PRO A 322 -0.31 18.76 -0.62
N ALA A 323 -0.51 20.06 -0.51
CA ALA A 323 -0.63 20.90 -1.72
C ALA A 323 0.74 21.09 -2.41
N GLN A 324 1.85 20.86 -1.71
CA GLN A 324 3.17 21.00 -2.29
C GLN A 324 3.71 19.65 -2.77
N ARG A 325 3.14 18.57 -2.26
CA ARG A 325 3.59 17.24 -2.53
C ARG A 325 3.54 16.94 -4.03
N ILE A 326 4.55 16.23 -4.56
CA ILE A 326 4.53 15.88 -5.96
C ILE A 326 3.25 15.11 -6.33
N THR A 327 2.69 15.36 -7.52
CA THR A 327 1.64 14.51 -8.05
C THR A 327 2.23 13.31 -8.76
N LEU A 328 1.46 12.24 -8.92
CA LEU A 328 2.01 11.09 -9.65
C LEU A 328 2.20 11.36 -11.13
N ALA A 329 1.41 12.22 -11.74
CA ALA A 329 1.71 12.61 -13.13
C ALA A 329 3.11 13.22 -13.20
N GLU A 330 3.43 14.11 -12.26
CA GLU A 330 4.78 14.73 -12.19
C GLU A 330 5.84 13.68 -11.90
N ALA A 331 5.54 12.79 -10.96
CA ALA A 331 6.52 11.76 -10.53
C ALA A 331 6.95 10.91 -11.72
N LEU A 332 6.02 10.59 -12.62
CA LEU A 332 6.33 9.76 -13.80
C LEU A 332 7.33 10.39 -14.74
N LEU A 333 7.52 11.69 -14.61
CA LEU A 333 8.46 12.46 -15.45
C LEU A 333 9.77 12.71 -14.72
N HIS A 334 9.90 12.19 -13.49
CA HIS A 334 11.10 12.46 -12.69
C HIS A 334 12.30 11.75 -13.30
N PRO A 335 13.48 12.39 -13.24
CA PRO A 335 14.68 11.79 -13.80
C PRO A 335 15.08 10.42 -13.27
N PHE A 336 14.62 10.04 -12.09
CA PHE A 336 14.87 8.72 -11.55
C PHE A 336 14.44 7.67 -12.53
N PHE A 337 13.40 7.94 -13.32
CA PHE A 337 12.88 6.91 -14.22
C PHE A 337 13.57 6.86 -15.56
N ALA A 338 14.55 7.72 -15.76
CA ALA A 338 15.39 7.61 -16.95
C ALA A 338 16.12 6.26 -16.97
N GLY A 339 16.37 5.63 -15.83
CA GLY A 339 17.14 4.38 -15.76
C GLY A 339 16.37 3.09 -16.04
N LEU A 340 15.06 3.22 -16.28
CA LEU A 340 14.23 2.11 -16.76
C LEU A 340 14.59 1.65 -18.16
N THR A 341 14.43 0.35 -18.40
CA THR A 341 14.59 -0.22 -19.73
C THR A 341 13.32 -0.04 -20.54
N PRO A 342 13.40 -0.19 -21.86
CA PRO A 342 12.18 -0.25 -22.68
C PRO A 342 11.14 -1.29 -22.24
N GLU A 343 11.58 -2.50 -21.89
CA GLU A 343 10.68 -3.54 -21.37
C GLU A 343 10.02 -3.05 -20.08
N GLU A 344 10.82 -2.47 -19.19
CA GLU A 344 10.26 -1.90 -17.95
C GLU A 344 9.33 -0.73 -18.23
N ARG A 345 9.67 0.08 -19.22
CA ARG A 345 9.03 1.38 -19.42
C ARG A 345 7.67 1.23 -20.08
N SER A 346 7.32 -0.01 -20.44
CA SER A 346 5.94 -0.32 -20.79
C SER A 346 5.64 -1.79 -20.62
C1 EDO B . -5.03 14.01 -10.02
O1 EDO B . -5.57 13.29 -11.15
C2 EDO B . -6.19 14.61 -9.23
O2 EDO B . -7.02 13.55 -8.72
#